data_7I2Q
#
_entry.id   7I2Q
#
_cell.length_a   82.609
_cell.length_b   116.009
_cell.length_c   146.707
_cell.angle_alpha   90.00
_cell.angle_beta   90.00
_cell.angle_gamma   90.00
#
_symmetry.space_group_name_H-M   'I 2 2 2'
#
loop_
_entity.id
_entity.type
_entity.pdbx_description
1 polymer 'NS5 RNA-dependent RNA polymerase'
2 non-polymer 'ZINC ION'
3 non-polymer 'DIMETHYL SULFOXIDE'
4 non-polymer 'PHOSPHATE ION'
5 non-polymer DI(HYDROXYETHYL)ETHER
6 non-polymer 4-(benzimidazol-1-ylmethyl)benzenecarbonitrile
7 non-polymer '2-(N-MORPHOLINO)-ETHANESULFONIC ACID'
8 non-polymer 'CHLORIDE ION'
9 water water
#
_entity_poly.entity_id   1
_entity_poly.type   'polypeptide(L)'
_entity_poly.pdbx_seq_one_letter_code
;GPGIESETPNLDIIGKRIEKIKQEHETSWHYDQDHPYKTWAYHGSYETKQTGSASSMVNGVVRLLTKPWDIIPMVTQMAM
TDTTPFGQQRVFKEKVDTRTQEPKEGTKKLMKITAEWLWKELGKKKTPRMCTREEFTRKVRSNAALGAIFTDENKWKSAR
EAVEDSGFWELVDKERNLHLEGKCETCVYNMMGKREKKLGEFGKAKGSRAIWYMWLGARFLEFEALGFLNEDHWFSRENS
LSGVEGEGLHKLGYILRDVSKKEGGAMYADDTAGWDTRITLEDLKNEEMVTNHMEGEHKKLAEAIFKLTYQNKVVRVQRP
TPRGTVMDIISRRDQRGSGQVVTYGLNTFTNMEAQLIRQMEGEGVFKSIQHLTVTEEIAVKNWLVRVGRERLSRMAISGD
DCVVKPLDDRFASALTALNDMGKVRKDIQQWEPSRGWNDWTQVPFCSHHFHELIMKDGRVLVVPCRNQDELIGRARISQG
AGWSLRETACLGKSYAQMWSLMYFHRRDLRLAANAICSAVPSHWVPTSRTTWSIHATHEWMTTEDMLTVWNRVWIQENPW
MEDKTPVESWEEIPYLGKREDQWCGSLIGLTSRATWAKNIQTAINQVRSLIGNEEYTDYMPSMKRFRREEEEAGVLW
;
_entity_poly.pdbx_strand_id   A
#
# COMPACT_ATOMS: atom_id res chain seq x y z
N ASN A 10 27.34 -17.48 1.51
CA ASN A 10 26.07 -17.98 2.10
C ASN A 10 26.17 -17.90 3.63
N LEU A 11 26.78 -18.91 4.28
CA LEU A 11 26.84 -19.05 5.76
C LEU A 11 27.94 -18.14 6.34
N ASP A 12 28.80 -17.59 5.49
CA ASP A 12 29.81 -16.56 5.89
C ASP A 12 29.08 -15.23 6.19
N ILE A 13 27.90 -15.02 5.61
CA ILE A 13 27.09 -13.77 5.73
C ILE A 13 26.03 -13.94 6.84
N ILE A 14 25.33 -15.07 6.88
CA ILE A 14 24.18 -15.32 7.80
C ILE A 14 24.66 -15.97 9.11
N GLY A 15 25.78 -16.71 9.08
CA GLY A 15 26.32 -17.48 10.21
C GLY A 15 26.44 -16.64 11.48
N LYS A 16 26.87 -15.37 11.33
CA LYS A 16 27.12 -14.43 12.45
C LYS A 16 25.81 -14.18 13.21
N ARG A 17 24.72 -13.87 12.50
CA ARG A 17 23.36 -13.66 13.05
C ARG A 17 22.86 -14.95 13.72
N ILE A 18 23.11 -16.11 13.10
CA ILE A 18 22.64 -17.44 13.56
C ILE A 18 23.29 -17.77 14.91
N GLU A 19 24.61 -17.59 15.01
CA GLU A 19 25.41 -17.88 16.24
C GLU A 19 24.85 -17.10 17.44
N LYS A 20 24.57 -15.81 17.25
CA LYS A 20 24.11 -14.89 18.33
C LYS A 20 22.81 -15.42 18.93
N ILE A 21 21.83 -15.77 18.09
CA ILE A 21 20.49 -16.27 18.52
C ILE A 21 20.66 -17.64 19.18
N LYS A 22 21.44 -18.52 18.56
CA LYS A 22 21.76 -19.88 19.07
C LYS A 22 22.38 -19.79 20.47
N GLN A 23 23.28 -18.82 20.67
CA GLN A 23 24.05 -18.62 21.94
C GLN A 23 23.12 -18.07 23.03
N GLU A 24 22.20 -17.18 22.69
CA GLU A 24 21.19 -16.61 23.61
C GLU A 24 20.32 -17.74 24.18
N HIS A 25 19.98 -18.73 23.34
CA HIS A 25 19.16 -19.92 23.71
C HIS A 25 20.00 -21.20 23.58
N GLU A 26 21.19 -21.22 24.20
CA GLU A 26 22.14 -22.36 24.19
C GLU A 26 21.52 -23.55 24.95
N THR A 27 20.61 -23.27 25.89
CA THR A 27 19.96 -24.27 26.78
C THR A 27 18.68 -24.82 26.13
N SER A 28 18.30 -24.34 24.93
CA SER A 28 17.06 -24.74 24.22
C SER A 28 17.31 -25.02 22.73
N TRP A 29 18.55 -25.06 22.27
CA TRP A 29 18.90 -25.25 20.83
C TRP A 29 18.72 -26.71 20.43
N HIS A 30 18.24 -26.96 19.20
CA HIS A 30 18.00 -28.32 18.64
C HIS A 30 17.75 -28.24 17.13
N TYR A 31 18.26 -29.22 16.37
CA TYR A 31 17.98 -29.45 14.92
C TYR A 31 16.95 -30.59 14.81
N ASP A 32 15.67 -30.25 14.80
CA ASP A 32 14.53 -31.22 14.81
C ASP A 32 14.52 -32.02 13.50
N GLN A 33 14.14 -33.30 13.57
CA GLN A 33 14.12 -34.25 12.43
C GLN A 33 12.96 -33.92 11.50
N ASP A 34 11.79 -33.58 12.06
CA ASP A 34 10.54 -33.27 11.31
C ASP A 34 10.36 -31.75 11.21
N HIS A 35 11.11 -31.10 10.30
CA HIS A 35 10.96 -29.68 9.93
C HIS A 35 10.29 -29.59 8.56
N PRO A 36 9.18 -28.82 8.43
CA PRO A 36 8.42 -28.81 7.17
C PRO A 36 9.00 -27.97 6.01
N TYR A 37 10.15 -27.33 6.22
CA TYR A 37 10.79 -26.42 5.24
C TYR A 37 11.45 -27.26 4.16
N LYS A 38 11.19 -26.93 2.89
CA LYS A 38 11.94 -27.48 1.73
C LYS A 38 12.65 -26.31 1.03
N THR A 39 11.87 -25.34 0.54
CA THR A 39 12.36 -24.15 -0.21
C THR A 39 13.22 -23.28 0.72
N TRP A 40 12.82 -23.15 1.99
CA TRP A 40 13.56 -22.44 3.07
C TRP A 40 14.70 -23.35 3.59
N ALA A 41 15.86 -22.76 3.89
CA ALA A 41 16.97 -23.53 4.48
C ALA A 41 16.83 -23.52 6.01
N TYR A 42 16.65 -24.69 6.63
CA TYR A 42 16.47 -24.78 8.10
C TYR A 42 17.83 -24.83 8.79
N HIS A 43 18.07 -23.93 9.73
CA HIS A 43 19.38 -23.89 10.45
C HIS A 43 19.23 -24.49 11.84
N GLY A 44 18.02 -24.42 12.42
CA GLY A 44 17.79 -24.95 13.77
C GLY A 44 16.55 -24.38 14.42
N SER A 45 16.38 -24.59 15.73
CA SER A 45 15.17 -24.12 16.45
C SER A 45 15.47 -23.98 17.94
N TYR A 46 14.66 -23.18 18.66
CA TYR A 46 14.67 -23.05 20.14
C TYR A 46 13.23 -22.91 20.65
N GLU A 47 13.04 -23.13 21.96
CA GLU A 47 11.71 -23.23 22.61
C GLU A 47 11.13 -21.83 22.86
N THR A 48 9.83 -21.66 22.60
CA THR A 48 9.04 -20.41 22.82
C THR A 48 7.63 -20.79 23.26
N LYS A 49 6.76 -19.79 23.50
CA LYS A 49 5.33 -19.98 23.89
C LYS A 49 4.61 -18.63 23.89
N GLN A 50 3.78 -18.38 22.88
CA GLN A 50 2.95 -17.15 22.71
C GLN A 50 2.09 -17.28 21.44
N THR A 51 1.36 -16.22 21.08
CA THR A 51 0.47 -16.13 19.89
C THR A 51 1.20 -16.69 18.66
N ALA A 54 -3.17 -11.03 17.25
CA ALA A 54 -3.92 -9.77 17.00
C ALA A 54 -5.21 -10.06 16.21
N SER A 55 -6.33 -10.18 16.92
CA SER A 55 -7.69 -10.43 16.35
C SER A 55 -8.50 -9.12 16.34
N SER A 56 -8.89 -8.66 15.15
CA SER A 56 -9.62 -7.40 14.89
C SER A 56 -10.85 -7.29 15.81
N MET A 57 -11.06 -6.10 16.40
CA MET A 57 -12.12 -5.80 17.41
C MET A 57 -13.17 -4.87 16.78
N VAL A 58 -14.36 -4.74 17.38
CA VAL A 58 -15.49 -3.96 16.78
C VAL A 58 -15.47 -2.51 17.28
N ASN A 59 -15.17 -1.57 16.39
CA ASN A 59 -15.33 -0.11 16.62
C ASN A 59 -16.79 0.14 16.87
N GLY A 60 -17.11 0.48 18.10
CA GLY A 60 -18.48 0.44 18.59
C GLY A 60 -19.33 1.65 18.20
N VAL A 61 -18.71 2.81 18.17
CA VAL A 61 -19.46 4.04 17.85
C VAL A 61 -20.02 3.87 16.43
N VAL A 62 -19.23 3.29 15.52
CA VAL A 62 -19.58 3.12 14.07
C VAL A 62 -20.71 2.10 13.93
N ARG A 63 -20.62 0.98 14.64
CA ARG A 63 -21.64 -0.10 14.56
C ARG A 63 -22.99 0.43 15.03
N LEU A 64 -23.05 1.20 16.13
CA LEU A 64 -24.33 1.72 16.67
C LEU A 64 -25.02 2.63 15.65
N LEU A 65 -24.26 3.33 14.80
CA LEU A 65 -24.80 4.30 13.82
C LEU A 65 -24.94 3.67 12.42
N THR A 66 -24.68 2.37 12.27
CA THR A 66 -24.88 1.61 11.00
C THR A 66 -25.56 0.27 11.34
N LYS A 67 -26.76 0.34 11.91
CA LYS A 67 -27.56 -0.81 12.41
C LYS A 67 -28.12 -1.67 11.27
N PRO A 68 -28.58 -1.11 10.12
CA PRO A 68 -29.10 -1.92 9.02
C PRO A 68 -28.08 -2.97 8.55
N TRP A 69 -26.80 -2.69 8.74
CA TRP A 69 -25.71 -3.56 8.27
C TRP A 69 -25.44 -4.66 9.32
N ASP A 70 -26.14 -4.65 10.45
CA ASP A 70 -25.97 -5.69 11.48
C ASP A 70 -26.41 -7.06 10.94
N ILE A 71 -27.09 -7.10 9.80
CA ILE A 71 -27.66 -8.36 9.25
C ILE A 71 -27.03 -8.70 7.89
N ILE A 72 -26.40 -7.75 7.19
CA ILE A 72 -25.59 -8.04 5.97
C ILE A 72 -24.38 -8.89 6.35
N PRO A 73 -24.28 -10.18 5.95
CA PRO A 73 -23.08 -10.99 6.23
C PRO A 73 -21.78 -10.60 5.50
N MET A 74 -21.84 -9.94 4.34
CA MET A 74 -20.63 -9.33 3.74
C MET A 74 -19.92 -8.46 4.80
N VAL A 75 -20.70 -7.73 5.61
CA VAL A 75 -20.23 -6.75 6.64
C VAL A 75 -19.91 -7.47 7.96
N THR A 76 -20.83 -8.25 8.52
CA THR A 76 -20.60 -8.94 9.82
C THR A 76 -19.43 -9.92 9.72
N GLN A 77 -19.24 -10.58 8.57
CA GLN A 77 -18.22 -11.66 8.41
C GLN A 77 -16.81 -11.04 8.50
N MET A 78 -16.58 -9.87 7.89
CA MET A 78 -15.28 -9.14 7.90
C MET A 78 -14.72 -9.01 9.32
N ALA A 79 -15.57 -8.95 10.34
CA ALA A 79 -15.19 -8.64 11.74
C ALA A 79 -14.69 -9.89 12.46
N MET A 80 -14.97 -11.08 11.93
CA MET A 80 -14.60 -12.39 12.55
C MET A 80 -13.21 -12.84 12.07
N THR A 81 -12.66 -13.86 12.72
CA THR A 81 -11.41 -14.56 12.32
C THR A 81 -10.18 -13.98 13.00
N LYS A 93 0.90 -19.11 3.78
CA LYS A 93 1.23 -20.39 4.49
C LYS A 93 2.02 -21.30 3.56
N GLU A 94 1.37 -21.83 2.52
CA GLU A 94 1.98 -22.71 1.48
C GLU A 94 2.31 -21.87 0.24
N LYS A 95 2.23 -20.53 0.35
CA LYS A 95 2.56 -19.56 -0.71
C LYS A 95 4.03 -19.12 -0.55
N VAL A 96 4.46 -18.85 0.68
CA VAL A 96 5.86 -18.45 1.02
C VAL A 96 6.80 -19.63 0.82
N ASP A 97 6.32 -20.85 1.08
CA ASP A 97 7.08 -22.13 0.90
C ASP A 97 6.99 -22.56 -0.57
N THR A 98 7.49 -21.71 -1.48
CA THR A 98 7.51 -21.92 -2.96
C THR A 98 8.81 -21.32 -3.53
N ARG A 99 9.36 -21.95 -4.57
CA ARG A 99 10.60 -21.50 -5.27
C ARG A 99 10.24 -21.04 -6.69
N THR A 100 11.00 -20.08 -7.22
CA THR A 100 10.87 -19.53 -8.60
C THR A 100 12.09 -19.97 -9.41
N GLN A 101 11.86 -20.56 -10.59
CA GLN A 101 12.91 -21.00 -11.55
C GLN A 101 13.72 -19.77 -12.01
N GLU A 102 15.04 -19.90 -12.07
CA GLU A 102 15.96 -18.86 -12.60
C GLU A 102 15.50 -18.47 -14.00
N PRO A 103 15.23 -17.17 -14.27
CA PRO A 103 14.84 -16.74 -15.62
C PRO A 103 15.87 -17.10 -16.70
N LYS A 104 15.44 -17.10 -17.96
CA LYS A 104 16.30 -17.36 -19.15
C LYS A 104 17.30 -16.20 -19.31
N GLU A 105 18.41 -16.44 -19.99
CA GLU A 105 19.53 -15.47 -20.16
C GLU A 105 19.03 -14.21 -20.87
N GLY A 106 18.19 -14.37 -21.90
CA GLY A 106 17.60 -13.25 -22.67
C GLY A 106 16.70 -12.38 -21.80
N THR A 107 15.89 -13.02 -20.95
CA THR A 107 15.02 -12.34 -19.94
C THR A 107 15.89 -11.47 -19.01
N LYS A 108 16.92 -12.08 -18.40
CA LYS A 108 17.82 -11.45 -17.40
C LYS A 108 18.49 -10.20 -18.01
N LYS A 109 18.88 -10.26 -19.28
CA LYS A 109 19.54 -9.15 -20.02
C LYS A 109 18.54 -8.00 -20.20
N LEU A 110 17.31 -8.30 -20.64
CA LEU A 110 16.22 -7.31 -20.84
C LEU A 110 15.96 -6.56 -19.52
N MET A 111 15.76 -7.30 -18.43
CA MET A 111 15.54 -6.74 -17.06
C MET A 111 16.72 -5.86 -16.67
N LYS A 112 17.96 -6.37 -16.83
CA LYS A 112 19.22 -5.67 -16.47
C LYS A 112 19.31 -4.37 -17.27
N ILE A 113 19.00 -4.40 -18.57
CA ILE A 113 19.11 -3.21 -19.46
C ILE A 113 18.06 -2.17 -19.08
N THR A 114 16.87 -2.64 -18.67
CA THR A 114 15.66 -1.80 -18.41
C THR A 114 15.79 -1.14 -17.03
N ALA A 115 16.15 -1.95 -16.02
CA ALA A 115 16.48 -1.50 -14.66
C ALA A 115 17.50 -0.35 -14.72
N GLU A 116 18.58 -0.56 -15.49
CA GLU A 116 19.68 0.43 -15.71
C GLU A 116 19.09 1.73 -16.26
N TRP A 117 18.27 1.64 -17.31
CA TRP A 117 17.66 2.82 -17.98
C TRP A 117 16.62 3.49 -17.08
N LEU A 118 15.95 2.72 -16.22
CA LEU A 118 14.86 3.20 -15.35
C LEU A 118 15.47 4.07 -14.25
N TRP A 119 16.39 3.48 -13.48
CA TRP A 119 17.17 4.18 -12.43
C TRP A 119 17.71 5.53 -12.93
N LYS A 120 18.35 5.55 -14.10
CA LYS A 120 18.91 6.78 -14.74
C LYS A 120 17.81 7.83 -14.90
N GLU A 121 16.61 7.42 -15.34
CA GLU A 121 15.44 8.30 -15.54
C GLU A 121 14.94 8.80 -14.17
N LEU A 122 14.74 7.89 -13.22
CA LEU A 122 14.27 8.23 -11.87
C LEU A 122 15.19 9.25 -11.19
N GLY A 123 16.51 9.18 -11.40
CA GLY A 123 17.52 10.01 -10.73
C GLY A 123 18.06 11.20 -11.54
N LYS A 124 17.40 11.54 -12.65
CA LYS A 124 17.76 12.69 -13.53
C LYS A 124 17.60 14.00 -12.75
N LYS A 125 16.49 14.12 -12.00
CA LYS A 125 16.14 15.32 -11.19
C LYS A 125 15.95 14.91 -9.72
N LYS A 126 16.64 13.85 -9.28
CA LYS A 126 16.70 13.46 -7.85
C LYS A 126 18.18 13.42 -7.45
N THR A 127 18.43 13.19 -6.17
CA THR A 127 19.76 13.07 -5.54
C THR A 127 19.60 12.09 -4.37
N PRO A 128 20.12 10.86 -4.46
CA PRO A 128 20.05 9.94 -3.34
C PRO A 128 20.68 10.62 -2.12
N ARG A 129 20.20 10.30 -0.94
CA ARG A 129 20.72 10.94 0.28
C ARG A 129 20.31 10.10 1.49
N MET A 130 21.18 10.04 2.51
CA MET A 130 20.91 9.30 3.75
C MET A 130 19.78 10.00 4.51
N CYS A 131 18.86 9.24 5.06
CA CYS A 131 17.84 9.77 5.99
C CYS A 131 18.44 9.79 7.40
N THR A 132 17.93 10.68 8.26
CA THR A 132 18.54 11.11 9.53
C THR A 132 17.87 10.40 10.72
N ARG A 133 18.48 10.51 11.91
CA ARG A 133 17.90 10.01 13.17
C ARG A 133 16.75 10.93 13.57
N GLU A 134 16.86 12.22 13.22
CA GLU A 134 15.85 13.28 13.50
C GLU A 134 14.55 12.96 12.76
N GLU A 135 14.66 12.59 11.47
CA GLU A 135 13.51 12.26 10.58
C GLU A 135 12.82 10.98 11.08
N PHE A 136 13.60 9.97 11.46
CA PHE A 136 13.13 8.66 11.98
C PHE A 136 12.47 8.87 13.36
N THR A 137 13.08 9.74 14.19
CA THR A 137 12.58 10.10 15.55
C THR A 137 11.17 10.70 15.44
N ARG A 138 11.01 11.76 14.66
CA ARG A 138 9.71 12.47 14.45
C ARG A 138 8.68 11.50 13.88
N LYS A 139 9.14 10.46 13.16
CA LYS A 139 8.27 9.45 12.50
C LYS A 139 7.62 8.56 13.57
N VAL A 140 8.35 8.16 14.62
CA VAL A 140 7.83 7.28 15.71
C VAL A 140 6.93 8.12 16.64
N ARG A 141 7.18 9.43 16.73
CA ARG A 141 6.39 10.39 17.57
C ARG A 141 4.98 10.54 16.97
N SER A 142 4.88 10.56 15.63
CA SER A 142 3.61 10.68 14.87
C SER A 142 2.92 9.32 14.74
N ASN A 143 3.50 8.27 15.33
CA ASN A 143 2.97 6.87 15.34
C ASN A 143 2.86 6.37 13.89
N ALA A 144 3.97 6.42 13.15
CA ALA A 144 4.09 5.87 11.78
C ALA A 144 4.08 4.33 11.84
N ALA A 145 3.56 3.69 10.79
CA ALA A 145 3.46 2.22 10.66
C ALA A 145 4.85 1.64 10.37
N LEU A 146 5.42 0.93 11.34
CA LEU A 146 6.74 0.23 11.24
C LEU A 146 6.60 -1.18 11.80
N GLY A 147 7.20 -2.17 11.12
CA GLY A 147 7.15 -3.59 11.50
C GLY A 147 8.12 -3.91 12.61
N ALA A 148 7.64 -3.91 13.87
CA ALA A 148 8.40 -4.26 15.08
C ALA A 148 7.47 -4.92 16.10
N LYS A 155 14.98 -4.51 26.13
CA LYS A 155 15.44 -3.38 26.99
C LYS A 155 14.29 -2.38 27.14
N TRP A 156 13.77 -1.86 26.02
CA TRP A 156 12.70 -0.82 25.96
C TRP A 156 11.35 -1.48 25.67
N LYS A 157 10.27 -0.86 26.18
CA LYS A 157 8.87 -1.39 26.07
C LYS A 157 8.24 -0.86 24.78
N SER A 158 7.90 0.44 24.73
CA SER A 158 7.22 1.09 23.59
C SER A 158 8.24 1.37 22.47
N ALA A 159 7.77 1.84 21.32
CA ALA A 159 8.59 2.18 20.13
C ALA A 159 9.24 3.56 20.31
N ARG A 160 8.77 4.34 21.28
CA ARG A 160 9.18 5.75 21.52
C ARG A 160 10.24 5.84 22.63
N GLU A 161 10.42 4.77 23.42
CA GLU A 161 11.33 4.74 24.61
C GLU A 161 12.79 4.64 24.14
N ALA A 162 13.08 3.74 23.20
CA ALA A 162 14.44 3.47 22.67
C ALA A 162 14.98 4.71 21.95
N VAL A 163 14.10 5.48 21.29
CA VAL A 163 14.46 6.70 20.50
C VAL A 163 14.88 7.82 21.46
N GLU A 164 14.18 7.98 22.59
CA GLU A 164 14.48 9.01 23.62
C GLU A 164 15.80 8.65 24.32
N ASP A 165 16.02 7.37 24.60
CA ASP A 165 17.27 6.83 25.23
C ASP A 165 18.42 6.94 24.22
N SER A 166 19.66 6.98 24.73
CA SER A 166 20.91 7.14 23.93
C SER A 166 21.63 5.79 23.77
N GLY A 167 21.51 4.90 24.77
CA GLY A 167 22.13 3.55 24.75
C GLY A 167 21.67 2.69 23.58
N PHE A 168 20.47 2.92 23.07
CA PHE A 168 19.90 2.35 21.80
C PHE A 168 20.82 2.71 20.63
N TRP A 169 20.90 4.00 20.30
CA TRP A 169 21.68 4.55 19.16
C TRP A 169 23.15 4.09 19.22
N GLU A 170 23.61 3.56 20.36
CA GLU A 170 24.92 2.87 20.49
C GLU A 170 24.79 1.47 19.87
N LEU A 171 23.69 0.76 20.18
CA LEU A 171 23.36 -0.56 19.56
C LEU A 171 23.25 -0.38 18.04
N VAL A 172 22.56 0.67 17.61
CA VAL A 172 22.42 1.07 16.17
C VAL A 172 23.81 1.41 15.61
N ASP A 173 24.57 2.26 16.31
CA ASP A 173 25.91 2.71 15.87
C ASP A 173 26.84 1.49 15.74
N LYS A 174 26.70 0.49 16.61
CA LYS A 174 27.51 -0.76 16.57
C LYS A 174 27.24 -1.46 15.24
N GLU A 175 26.00 -1.91 15.03
CA GLU A 175 25.56 -2.58 13.78
C GLU A 175 26.06 -1.74 12.59
N ARG A 176 25.79 -0.43 12.61
CA ARG A 176 26.10 0.49 11.48
C ARG A 176 27.58 0.33 11.10
N ASN A 177 28.45 0.14 12.09
CA ASN A 177 29.92 -0.02 11.88
C ASN A 177 30.19 -1.40 11.26
N LEU A 178 29.51 -2.43 11.75
CA LEU A 178 29.62 -3.83 11.25
C LEU A 178 29.17 -3.87 9.78
N HIS A 179 28.10 -3.13 9.42
CA HIS A 179 27.59 -3.03 8.03
C HIS A 179 28.65 -2.39 7.12
N LEU A 180 29.37 -1.38 7.61
CA LEU A 180 30.48 -0.68 6.88
C LEU A 180 31.65 -1.65 6.67
N GLU A 181 31.83 -2.60 7.60
CA GLU A 181 32.88 -3.64 7.55
C GLU A 181 32.40 -4.82 6.68
N GLY A 182 31.11 -4.84 6.32
CA GLY A 182 30.54 -5.87 5.42
C GLY A 182 30.01 -7.09 6.16
N LYS A 183 29.59 -6.91 7.41
CA LYS A 183 29.08 -7.98 8.31
C LYS A 183 27.75 -7.51 8.92
N CYS A 184 26.98 -8.45 9.47
CA CYS A 184 25.65 -8.16 10.10
C CYS A 184 25.45 -9.07 11.32
N GLU A 185 24.78 -8.55 12.35
CA GLU A 185 24.73 -9.20 13.68
C GLU A 185 23.27 -9.39 14.12
N THR A 186 22.40 -8.40 13.90
CA THR A 186 21.09 -8.33 14.59
C THR A 186 19.94 -8.08 13.61
N CYS A 187 20.20 -8.03 12.30
CA CYS A 187 19.17 -7.73 11.27
C CYS A 187 18.46 -9.03 10.86
N VAL A 188 17.61 -9.54 11.75
CA VAL A 188 16.86 -10.82 11.59
C VAL A 188 15.36 -10.52 11.57
N TYR A 189 14.68 -10.90 10.49
CA TYR A 189 13.23 -10.68 10.27
C TYR A 189 12.43 -11.59 11.21
N ASN A 190 11.21 -11.17 11.57
CA ASN A 190 10.27 -11.90 12.45
C ASN A 190 8.96 -12.14 11.68
N MET A 191 8.62 -13.41 11.44
CA MET A 191 7.39 -13.83 10.71
C MET A 191 6.30 -14.19 11.73
N MET A 192 5.24 -13.38 11.79
CA MET A 192 4.12 -13.50 12.76
C MET A 192 2.79 -13.43 11.99
N ILE A 211 3.45 -11.08 7.86
CA ILE A 211 4.18 -9.79 7.75
C ILE A 211 5.60 -9.98 8.31
N TRP A 212 6.60 -9.36 7.68
CA TRP A 212 8.04 -9.45 8.02
C TRP A 212 8.42 -8.29 8.96
N TYR A 213 8.32 -8.50 10.28
CA TYR A 213 8.72 -7.53 11.33
C TYR A 213 10.24 -7.58 11.51
N MET A 214 10.80 -6.65 12.29
CA MET A 214 12.25 -6.51 12.53
C MET A 214 12.47 -5.56 13.72
N TRP A 215 13.60 -5.67 14.43
CA TRP A 215 13.93 -4.81 15.59
C TRP A 215 14.16 -3.36 15.10
N LEU A 216 13.68 -2.38 15.88
CA LEU A 216 13.63 -0.94 15.45
C LEU A 216 14.96 -0.43 14.88
N GLY A 217 16.07 -0.91 15.44
CA GLY A 217 17.45 -0.57 14.99
C GLY A 217 17.66 -0.87 13.52
N ALA A 218 17.23 -2.06 13.06
CA ALA A 218 17.31 -2.50 11.65
C ALA A 218 16.43 -1.61 10.78
N ARG A 219 15.22 -1.29 11.25
CA ARG A 219 14.25 -0.38 10.56
C ARG A 219 14.92 0.98 10.35
N PHE A 220 15.66 1.49 11.34
CA PHE A 220 16.37 2.79 11.21
C PHE A 220 17.42 2.69 10.09
N LEU A 221 18.30 1.69 10.18
CA LEU A 221 19.42 1.46 9.21
C LEU A 221 18.86 1.27 7.81
N GLU A 222 17.76 0.53 7.69
CA GLU A 222 17.00 0.33 6.41
C GLU A 222 16.51 1.70 5.91
N PHE A 223 15.84 2.45 6.79
CA PHE A 223 15.28 3.79 6.51
C PHE A 223 16.41 4.78 6.16
N GLU A 224 17.53 4.71 6.88
CA GLU A 224 18.70 5.61 6.69
C GLU A 224 19.22 5.49 5.26
N ALA A 225 19.34 4.26 4.74
CA ALA A 225 19.95 3.99 3.41
C ALA A 225 18.96 4.21 2.26
N LEU A 226 17.68 3.83 2.46
CA LEU A 226 16.68 3.66 1.36
C LEU A 226 15.43 4.53 1.56
N GLY A 227 15.25 5.12 2.75
CA GLY A 227 14.09 5.96 3.08
C GLY A 227 13.95 7.09 2.08
N PHE A 228 15.00 7.42 1.35
CA PHE A 228 14.97 8.59 0.43
C PHE A 228 13.96 8.33 -0.69
N LEU A 229 13.63 7.06 -0.97
CA LEU A 229 12.79 6.70 -2.15
C LEU A 229 11.36 7.20 -1.92
N ASN A 230 10.82 6.86 -0.74
CA ASN A 230 9.53 7.41 -0.24
C ASN A 230 9.69 8.90 -0.01
N GLU A 231 10.55 9.28 0.95
CA GLU A 231 10.62 10.63 1.60
C GLU A 231 10.81 11.72 0.56
N ASP A 232 11.54 11.47 -0.54
CA ASP A 232 11.75 12.48 -1.61
C ASP A 232 11.01 12.08 -2.90
N HIS A 233 9.98 11.23 -2.80
CA HIS A 233 8.94 11.06 -3.85
C HIS A 233 9.55 10.63 -5.19
N TRP A 234 10.37 9.57 -5.19
CA TRP A 234 11.06 9.07 -6.41
C TRP A 234 9.99 8.55 -7.38
N PHE A 235 8.96 7.90 -6.81
CA PHE A 235 7.81 7.29 -7.50
C PHE A 235 6.59 8.22 -7.55
N SER A 236 6.74 9.52 -7.31
CA SER A 236 5.74 10.54 -7.73
C SER A 236 5.44 10.35 -9.22
N ARG A 237 4.30 10.85 -9.67
CA ARG A 237 3.96 10.85 -11.11
C ARG A 237 4.81 11.90 -11.84
N GLU A 238 5.18 13.01 -11.20
CA GLU A 238 6.03 14.06 -11.85
C GLU A 238 7.39 13.43 -12.21
N ASN A 239 7.94 12.59 -11.34
CA ASN A 239 9.34 12.10 -11.46
C ASN A 239 9.41 10.80 -12.27
N SER A 240 8.52 9.83 -11.99
CA SER A 240 8.54 8.44 -12.53
C SER A 240 7.57 8.20 -13.71
N LEU A 241 6.57 9.07 -13.95
CA LEU A 241 5.59 8.99 -15.09
C LEU A 241 4.59 7.83 -14.96
N SER A 242 5.01 6.64 -14.56
CA SER A 242 4.09 5.50 -14.32
C SER A 242 3.46 5.59 -12.92
N GLY A 243 4.14 6.25 -11.97
CA GLY A 243 3.86 6.08 -10.54
C GLY A 243 2.79 7.03 -10.04
N VAL A 244 2.34 6.81 -8.81
CA VAL A 244 1.23 7.59 -8.18
C VAL A 244 1.47 7.81 -6.67
N GLU A 245 2.67 7.52 -6.12
CA GLU A 245 2.96 7.73 -4.68
C GLU A 245 2.60 9.19 -4.32
N GLY A 246 1.76 9.34 -3.29
CA GLY A 246 1.33 10.64 -2.70
C GLY A 246 0.35 11.39 -3.59
N GLU A 247 -0.53 10.66 -4.27
CA GLU A 247 -1.51 11.23 -5.24
C GLU A 247 -2.89 11.28 -4.59
N GLY A 248 -3.25 10.26 -3.80
CA GLY A 248 -4.51 10.26 -3.03
C GLY A 248 -5.70 9.80 -3.86
N LEU A 249 -6.62 9.08 -3.20
N LEU A 249 -6.63 9.08 -3.22
CA LEU A 249 -7.86 8.49 -3.77
CA LEU A 249 -7.84 8.47 -3.83
C LEU A 249 -8.59 9.50 -4.67
C LEU A 249 -8.60 9.50 -4.69
N HIS A 250 -8.47 10.80 -4.39
CA HIS A 250 -9.15 11.89 -5.14
C HIS A 250 -8.39 12.30 -6.42
N LYS A 251 -7.26 11.68 -6.77
CA LYS A 251 -6.49 12.07 -7.99
C LYS A 251 -6.33 10.86 -8.92
N LEU A 252 -6.23 9.64 -8.37
CA LEU A 252 -6.09 8.37 -9.13
C LEU A 252 -7.11 8.34 -10.27
N GLY A 253 -8.39 8.57 -9.95
CA GLY A 253 -9.49 8.60 -10.92
C GLY A 253 -9.15 9.49 -12.11
N TYR A 254 -8.71 10.70 -11.84
CA TYR A 254 -8.36 11.68 -12.90
C TYR A 254 -7.17 11.12 -13.70
N ILE A 255 -6.33 10.34 -13.02
CA ILE A 255 -5.08 9.81 -13.62
C ILE A 255 -5.45 8.69 -14.62
N LEU A 256 -6.24 7.68 -14.21
CA LEU A 256 -6.76 6.64 -15.15
C LEU A 256 -7.35 7.34 -16.37
N ARG A 257 -8.19 8.36 -16.18
CA ARG A 257 -8.87 9.05 -17.30
C ARG A 257 -7.85 9.65 -18.26
N ASP A 258 -6.81 10.31 -17.73
CA ASP A 258 -5.77 10.98 -18.56
C ASP A 258 -5.03 9.91 -19.37
N VAL A 259 -4.80 8.73 -18.77
CA VAL A 259 -4.21 7.55 -19.48
C VAL A 259 -5.13 7.24 -20.64
N SER A 260 -6.43 7.07 -20.35
CA SER A 260 -7.51 6.72 -21.31
C SER A 260 -7.43 7.62 -22.56
N LYS A 261 -7.23 8.93 -22.39
CA LYS A 261 -7.21 9.94 -23.47
C LYS A 261 -6.12 9.66 -24.51
N LYS A 262 -5.16 8.78 -24.21
CA LYS A 262 -4.06 8.39 -25.15
C LYS A 262 -4.62 7.41 -26.19
N GLU A 263 -4.13 7.50 -27.44
CA GLU A 263 -4.46 6.54 -28.52
C GLU A 263 -3.88 5.19 -28.11
N GLY A 264 -4.64 4.10 -28.27
CA GLY A 264 -4.14 2.74 -27.99
C GLY A 264 -5.26 1.70 -27.91
N GLY A 265 -4.97 0.57 -27.28
CA GLY A 265 -5.94 -0.53 -27.17
C GLY A 265 -6.69 -0.48 -25.86
N ALA A 266 -7.16 -1.63 -25.41
CA ALA A 266 -7.85 -1.79 -24.12
C ALA A 266 -6.92 -1.36 -23.00
N MET A 267 -7.47 -1.13 -21.81
CA MET A 267 -6.70 -0.89 -20.57
C MET A 267 -6.66 -2.20 -19.78
N TYR A 268 -5.46 -2.72 -19.54
CA TYR A 268 -5.21 -4.07 -18.96
C TYR A 268 -4.80 -3.92 -17.49
N ALA A 269 -5.51 -4.62 -16.59
CA ALA A 269 -5.33 -4.59 -15.13
C ALA A 269 -5.21 -6.02 -14.60
N ASP A 270 -4.05 -6.64 -14.83
CA ASP A 270 -3.74 -8.03 -14.39
C ASP A 270 -3.04 -7.98 -13.03
N ASP A 271 -3.65 -8.59 -12.01
CA ASP A 271 -3.08 -8.74 -10.64
C ASP A 271 -2.18 -9.97 -10.63
N THR A 272 -0.91 -9.80 -10.23
CA THR A 272 0.09 -10.89 -10.05
C THR A 272 -0.29 -11.74 -8.84
N ALA A 273 -0.15 -13.06 -8.95
CA ALA A 273 -0.47 -14.01 -7.86
C ALA A 273 0.65 -13.99 -6.81
N GLY A 274 0.39 -13.43 -5.63
CA GLY A 274 1.33 -13.35 -4.49
C GLY A 274 2.67 -12.74 -4.86
N TRP A 275 2.64 -11.53 -5.42
CA TRP A 275 3.78 -10.83 -6.06
C TRP A 275 5.03 -10.86 -5.17
N ASP A 276 4.90 -10.70 -3.84
CA ASP A 276 6.06 -10.64 -2.89
C ASP A 276 6.84 -11.98 -2.97
N THR A 277 6.14 -13.13 -3.04
CA THR A 277 6.75 -14.50 -3.15
C THR A 277 7.26 -14.78 -4.58
N ARG A 278 7.02 -13.90 -5.55
CA ARG A 278 7.47 -14.03 -6.97
C ARG A 278 8.63 -13.07 -7.28
N ILE A 279 9.28 -12.52 -6.25
CA ILE A 279 10.45 -11.62 -6.39
C ILE A 279 11.70 -12.50 -6.45
N THR A 280 12.35 -12.52 -7.62
CA THR A 280 13.52 -13.37 -7.93
C THR A 280 14.76 -12.62 -7.42
N LEU A 281 15.86 -13.35 -7.19
CA LEU A 281 17.17 -12.75 -6.79
C LEU A 281 17.61 -11.74 -7.85
N GLU A 282 17.35 -12.04 -9.14
CA GLU A 282 17.69 -11.15 -10.28
C GLU A 282 16.98 -9.81 -10.12
N ASP A 283 15.75 -9.81 -9.58
CA ASP A 283 15.01 -8.57 -9.24
C ASP A 283 15.76 -7.80 -8.12
N LEU A 284 16.08 -8.48 -7.01
CA LEU A 284 16.86 -7.91 -5.86
C LEU A 284 18.18 -7.27 -6.34
N LYS A 285 18.85 -7.88 -7.32
CA LYS A 285 20.11 -7.40 -7.94
C LYS A 285 19.82 -6.16 -8.81
N ASN A 286 18.74 -6.21 -9.60
CA ASN A 286 18.33 -5.11 -10.51
C ASN A 286 17.93 -3.87 -9.69
N GLU A 287 17.33 -4.08 -8.52
CA GLU A 287 16.91 -3.01 -7.58
C GLU A 287 18.16 -2.37 -6.94
N GLU A 288 19.17 -3.19 -6.62
CA GLU A 288 20.45 -2.78 -5.98
C GLU A 288 21.22 -1.82 -6.90
N MET A 289 20.95 -1.83 -8.21
CA MET A 289 21.63 -0.91 -9.18
C MET A 289 21.33 0.56 -8.85
N VAL A 290 20.44 0.85 -7.91
CA VAL A 290 20.22 2.23 -7.37
C VAL A 290 21.51 2.73 -6.72
N THR A 291 22.24 1.88 -5.98
CA THR A 291 23.53 2.22 -5.31
C THR A 291 24.53 2.85 -6.29
N ASN A 292 24.50 2.44 -7.56
CA ASN A 292 25.41 2.94 -8.63
C ASN A 292 25.17 4.43 -8.88
N HIS A 293 24.20 5.05 -8.19
CA HIS A 293 23.89 6.50 -8.25
C HIS A 293 24.23 7.18 -6.91
N MET A 294 24.82 6.45 -5.97
CA MET A 294 25.16 6.91 -4.59
C MET A 294 26.67 7.18 -4.50
N GLU A 295 27.14 7.58 -3.31
CA GLU A 295 28.56 7.93 -3.06
C GLU A 295 28.89 7.81 -1.56
N GLY A 296 30.15 7.52 -1.25
CA GLY A 296 30.72 7.56 0.12
C GLY A 296 30.03 6.61 1.06
N GLU A 297 29.75 7.08 2.29
CA GLU A 297 29.21 6.28 3.43
C GLU A 297 27.82 5.73 3.06
N HIS A 298 27.03 6.52 2.33
CA HIS A 298 25.66 6.17 1.85
C HIS A 298 25.74 4.92 0.96
N LYS A 299 26.51 5.00 -0.13
CA LYS A 299 26.65 3.90 -1.11
C LYS A 299 26.99 2.58 -0.39
N LYS A 300 27.85 2.61 0.62
CA LYS A 300 28.30 1.36 1.31
C LYS A 300 27.19 0.86 2.24
N LEU A 301 26.50 1.78 2.90
CA LEU A 301 25.36 1.47 3.82
C LEU A 301 24.20 0.86 3.03
N ALA A 302 23.91 1.40 1.85
CA ALA A 302 22.86 0.85 0.93
C ALA A 302 23.27 -0.56 0.49
N GLU A 303 24.40 -0.65 -0.24
CA GLU A 303 25.02 -1.91 -0.71
C GLU A 303 24.96 -2.98 0.39
N ALA A 304 25.20 -2.58 1.64
CA ALA A 304 25.18 -3.49 2.81
C ALA A 304 23.77 -4.06 2.98
N ILE A 305 22.78 -3.20 3.19
CA ILE A 305 21.35 -3.57 3.41
C ILE A 305 20.95 -4.62 2.35
N PHE A 306 21.07 -4.26 1.06
CA PHE A 306 20.72 -5.11 -0.11
C PHE A 306 21.37 -6.50 0.02
N LYS A 307 22.69 -6.55 0.23
CA LYS A 307 23.50 -7.81 0.13
C LYS A 307 23.48 -8.59 1.45
N LEU A 308 23.16 -7.94 2.58
CA LEU A 308 23.27 -8.56 3.93
C LEU A 308 21.88 -8.87 4.52
N THR A 309 20.84 -8.09 4.19
CA THR A 309 19.46 -8.25 4.74
C THR A 309 18.52 -8.82 3.66
N TYR A 310 18.48 -8.22 2.47
CA TYR A 310 17.54 -8.57 1.38
C TYR A 310 18.01 -9.85 0.67
N GLN A 311 19.24 -9.86 0.14
CA GLN A 311 19.77 -10.94 -0.74
C GLN A 311 20.25 -12.12 0.10
N ASN A 312 20.31 -11.99 1.44
CA ASN A 312 20.69 -13.07 2.39
C ASN A 312 19.90 -12.90 3.69
N LYS A 313 18.71 -13.51 3.76
CA LYS A 313 17.70 -13.28 4.82
C LYS A 313 17.87 -14.32 5.94
N VAL A 314 17.50 -13.94 7.17
CA VAL A 314 17.40 -14.87 8.34
C VAL A 314 16.11 -14.49 9.02
N VAL A 315 15.29 -15.48 9.37
CA VAL A 315 13.90 -15.26 9.84
C VAL A 315 13.59 -16.22 10.99
N ARG A 316 12.92 -15.70 12.03
CA ARG A 316 12.46 -16.48 13.21
C ARG A 316 10.94 -16.67 13.10
N VAL A 317 10.49 -17.94 13.08
CA VAL A 317 9.08 -18.33 12.80
C VAL A 317 8.59 -19.25 13.93
N GLN A 318 7.47 -18.89 14.56
CA GLN A 318 6.79 -19.73 15.59
C GLN A 318 6.07 -20.89 14.90
N ARG A 319 6.29 -22.12 15.39
CA ARG A 319 5.64 -23.36 14.90
C ARG A 319 4.93 -24.04 16.06
N PRO A 320 3.57 -24.15 16.04
CA PRO A 320 2.82 -24.72 17.16
C PRO A 320 3.25 -26.12 17.65
N THR A 321 3.87 -26.93 16.78
CA THR A 321 4.31 -28.32 17.06
C THR A 321 5.18 -28.34 18.32
N THR A 325 5.00 -24.74 21.40
CA THR A 325 5.51 -23.66 20.49
C THR A 325 7.04 -23.73 20.43
N VAL A 326 7.62 -23.51 19.26
CA VAL A 326 9.09 -23.45 19.01
C VAL A 326 9.38 -22.37 17.97
N MET A 327 10.54 -21.70 18.07
CA MET A 327 10.99 -20.65 17.12
C MET A 327 12.06 -21.24 16.18
N ASP A 328 11.73 -21.43 14.91
CA ASP A 328 12.60 -22.04 13.87
C ASP A 328 13.37 -20.92 13.14
N ILE A 329 14.69 -21.03 13.08
CA ILE A 329 15.59 -20.05 12.39
C ILE A 329 15.89 -20.60 10.99
N ILE A 330 15.32 -19.97 9.96
CA ILE A 330 15.39 -20.38 8.52
C ILE A 330 15.97 -19.23 7.71
N SER A 331 16.54 -19.53 6.54
CA SER A 331 17.21 -18.56 5.63
C SER A 331 16.75 -18.78 4.19
N ARG A 332 16.91 -17.75 3.35
CA ARG A 332 16.61 -17.82 1.89
C ARG A 332 17.16 -16.54 1.27
N ARG A 333 17.42 -16.56 -0.04
CA ARG A 333 18.08 -15.45 -0.78
C ARG A 333 17.06 -14.59 -1.56
N ASP A 334 16.01 -15.21 -2.14
CA ASP A 334 15.00 -14.56 -3.02
C ASP A 334 13.77 -14.19 -2.17
N GLN A 335 12.69 -13.75 -2.82
CA GLN A 335 11.41 -13.27 -2.21
C GLN A 335 11.61 -11.88 -1.59
N ARG A 336 10.52 -11.24 -1.19
CA ARG A 336 10.49 -9.86 -0.61
C ARG A 336 10.20 -9.94 0.89
N GLY A 337 11.00 -9.24 1.70
CA GLY A 337 10.77 -9.06 3.15
C GLY A 337 11.16 -7.67 3.64
N SER A 338 11.42 -6.74 2.71
CA SER A 338 11.94 -5.36 3.00
C SER A 338 10.90 -4.56 3.80
N GLY A 339 11.25 -3.34 4.18
CA GLY A 339 10.37 -2.41 4.92
C GLY A 339 9.11 -2.10 4.13
N GLN A 340 7.94 -2.19 4.78
CA GLN A 340 6.60 -1.96 4.17
C GLN A 340 6.64 -0.74 3.23
N VAL A 341 7.33 0.33 3.64
CA VAL A 341 7.47 1.58 2.83
C VAL A 341 8.53 1.43 1.70
N VAL A 342 9.64 0.76 2.00
CA VAL A 342 10.73 0.45 1.02
C VAL A 342 10.18 -0.54 -0.01
N THR A 343 9.50 -1.60 0.46
CA THR A 343 8.82 -2.63 -0.37
C THR A 343 7.95 -1.95 -1.43
N TYR A 344 7.11 -1.00 -1.02
CA TYR A 344 6.24 -0.23 -1.94
C TYR A 344 7.08 0.32 -3.12
N GLY A 345 8.15 1.06 -2.82
CA GLY A 345 8.97 1.75 -3.82
C GLY A 345 9.73 0.79 -4.70
N LEU A 346 10.18 -0.33 -4.13
CA LEU A 346 10.92 -1.37 -4.89
C LEU A 346 9.96 -2.17 -5.78
N ASN A 347 8.79 -2.53 -5.24
CA ASN A 347 7.70 -3.24 -5.97
C ASN A 347 7.24 -2.36 -7.15
N THR A 348 7.10 -1.05 -6.92
CA THR A 348 6.75 -0.09 -8.01
C THR A 348 7.85 -0.07 -9.07
N PHE A 349 9.11 -0.16 -8.65
CA PHE A 349 10.30 -0.07 -9.54
C PHE A 349 10.30 -1.29 -10.48
N THR A 350 10.22 -2.47 -9.87
CA THR A 350 10.35 -3.78 -10.53
C THR A 350 9.11 -3.97 -11.42
N ASN A 351 7.94 -3.55 -10.93
CA ASN A 351 6.66 -3.68 -11.66
C ASN A 351 6.70 -2.78 -12.88
N MET A 352 7.19 -1.56 -12.75
CA MET A 352 7.35 -0.66 -13.92
C MET A 352 8.18 -1.39 -14.97
N GLU A 353 9.20 -2.12 -14.52
CA GLU A 353 10.23 -2.74 -15.38
C GLU A 353 9.52 -3.86 -16.15
N ALA A 354 8.83 -4.77 -15.45
CA ALA A 354 8.07 -5.90 -16.04
C ALA A 354 7.08 -5.40 -17.10
N GLN A 355 6.30 -4.36 -16.79
CA GLN A 355 5.24 -3.84 -17.69
C GLN A 355 5.85 -3.19 -18.95
N LEU A 356 6.97 -2.48 -18.81
CA LEU A 356 7.71 -1.88 -19.95
C LEU A 356 8.20 -2.98 -20.89
N ILE A 357 8.64 -4.12 -20.34
CA ILE A 357 9.16 -5.30 -21.11
C ILE A 357 8.00 -5.97 -21.85
N ARG A 358 6.85 -6.16 -21.19
CA ARG A 358 5.63 -6.78 -21.78
C ARG A 358 5.14 -5.92 -22.96
N GLN A 359 5.32 -4.60 -22.88
CA GLN A 359 4.99 -3.66 -23.99
C GLN A 359 5.96 -3.88 -25.16
N MET A 360 7.24 -4.13 -24.87
CA MET A 360 8.29 -4.40 -25.90
C MET A 360 7.99 -5.73 -26.60
N GLU A 361 7.54 -6.74 -25.86
CA GLU A 361 7.08 -8.05 -26.39
C GLU A 361 5.84 -7.83 -27.28
N GLY A 362 4.87 -7.06 -26.78
CA GLY A 362 3.64 -6.70 -27.50
C GLY A 362 3.91 -5.92 -28.78
N GLU A 363 4.93 -5.06 -28.79
CA GLU A 363 5.29 -4.20 -29.96
C GLU A 363 6.34 -4.89 -30.82
N GLY A 364 6.80 -6.08 -30.42
CA GLY A 364 7.77 -6.88 -31.19
C GLY A 364 9.14 -6.21 -31.29
N VAL A 365 9.67 -5.79 -30.13
CA VAL A 365 11.03 -5.21 -29.99
C VAL A 365 12.03 -6.37 -29.87
N PHE A 366 11.65 -7.45 -29.17
CA PHE A 366 12.42 -8.71 -29.06
C PHE A 366 11.52 -9.89 -29.44
N LYS A 367 12.10 -10.92 -30.08
CA LYS A 367 11.40 -12.10 -30.65
C LYS A 367 11.27 -13.19 -29.59
N SER A 368 12.41 -13.67 -29.07
CA SER A 368 12.50 -14.81 -28.12
C SER A 368 13.28 -14.38 -26.86
N ILE A 369 12.93 -14.98 -25.72
CA ILE A 369 13.50 -14.66 -24.37
C ILE A 369 14.60 -15.68 -24.02
N GLN A 370 14.77 -16.73 -24.83
CA GLN A 370 15.73 -17.85 -24.58
C GLN A 370 17.16 -17.28 -24.62
N HIS A 371 17.43 -16.38 -25.56
CA HIS A 371 18.72 -15.65 -25.72
C HIS A 371 18.46 -14.33 -26.46
N LEU A 372 19.16 -13.25 -26.07
CA LEU A 372 19.02 -11.89 -26.67
C LEU A 372 20.18 -11.65 -27.64
N THR A 373 19.86 -11.40 -28.92
CA THR A 373 20.84 -11.11 -30.00
C THR A 373 21.43 -9.72 -29.79
N VAL A 374 22.55 -9.41 -30.44
CA VAL A 374 23.21 -8.08 -30.33
C VAL A 374 22.39 -7.04 -31.12
N THR A 375 21.54 -7.48 -32.04
CA THR A 375 20.57 -6.63 -32.78
C THR A 375 19.28 -6.44 -31.95
N GLU A 376 18.92 -7.41 -31.11
CA GLU A 376 17.75 -7.33 -30.18
C GLU A 376 18.09 -6.41 -28.99
N GLU A 377 19.38 -6.31 -28.63
CA GLU A 377 19.87 -5.40 -27.57
C GLU A 377 19.71 -3.95 -28.03
N ILE A 378 20.34 -3.58 -29.14
CA ILE A 378 20.36 -2.19 -29.70
C ILE A 378 18.91 -1.73 -29.93
N ALA A 379 18.03 -2.63 -30.39
CA ALA A 379 16.60 -2.32 -30.65
C ALA A 379 15.86 -2.00 -29.33
N VAL A 380 15.98 -2.88 -28.33
CA VAL A 380 15.43 -2.70 -26.95
C VAL A 380 15.96 -1.36 -26.40
N LYS A 381 17.25 -1.09 -26.58
CA LYS A 381 17.93 0.12 -26.05
C LYS A 381 17.41 1.36 -26.79
N ASN A 382 17.36 1.31 -28.12
CA ASN A 382 16.83 2.41 -28.99
C ASN A 382 15.36 2.66 -28.61
N TRP A 383 14.63 1.60 -28.25
CA TRP A 383 13.20 1.68 -27.86
C TRP A 383 13.04 2.55 -26.60
N LEU A 384 13.72 2.15 -25.52
CA LEU A 384 13.74 2.86 -24.23
C LEU A 384 14.07 4.35 -24.45
N VAL A 385 15.05 4.64 -25.31
CA VAL A 385 15.56 6.03 -25.55
C VAL A 385 14.54 6.83 -26.35
N ARG A 386 13.89 6.21 -27.35
CA ARG A 386 13.05 6.90 -28.36
C ARG A 386 11.62 7.09 -27.82
N VAL A 387 11.08 6.13 -27.06
CA VAL A 387 9.67 6.14 -26.58
C VAL A 387 9.49 5.72 -25.12
N GLY A 388 10.54 5.27 -24.42
CA GLY A 388 10.43 4.69 -23.06
C GLY A 388 9.68 5.60 -22.10
N ARG A 389 9.85 6.91 -22.23
CA ARG A 389 9.14 7.89 -21.37
C ARG A 389 7.65 7.80 -21.70
N GLU A 390 7.31 7.88 -22.99
CA GLU A 390 5.89 7.87 -23.47
C GLU A 390 5.22 6.58 -22.95
N ARG A 391 5.95 5.46 -22.94
CA ARG A 391 5.38 4.15 -22.58
C ARG A 391 5.19 4.08 -21.05
N LEU A 392 5.94 4.86 -20.30
CA LEU A 392 5.75 4.96 -18.82
C LEU A 392 4.46 5.75 -18.54
N SER A 393 4.22 6.83 -19.29
CA SER A 393 3.01 7.69 -19.14
C SER A 393 1.73 6.95 -19.53
N ARG A 394 1.81 5.77 -20.15
CA ARG A 394 0.63 4.92 -20.48
C ARG A 394 0.27 4.00 -19.31
N MET A 395 0.89 4.20 -18.15
CA MET A 395 0.70 3.27 -17.01
C MET A 395 0.38 4.03 -15.70
N ALA A 396 -0.29 3.34 -14.79
CA ALA A 396 -0.50 3.77 -13.39
C ALA A 396 -0.07 2.62 -12.49
N ILE A 397 1.11 2.69 -11.88
CA ILE A 397 1.63 1.58 -11.05
C ILE A 397 1.71 2.05 -9.60
N SER A 398 1.30 1.18 -8.68
CA SER A 398 1.26 1.41 -7.21
C SER A 398 1.65 0.10 -6.51
N GLY A 399 2.93 -0.10 -6.25
CA GLY A 399 3.44 -1.39 -5.78
C GLY A 399 3.09 -2.49 -6.78
N ASP A 400 2.53 -3.59 -6.27
CA ASP A 400 2.19 -4.81 -7.05
C ASP A 400 1.01 -4.56 -8.00
N ASP A 401 0.32 -3.42 -7.81
CA ASP A 401 -0.89 -3.00 -8.58
C ASP A 401 -0.42 -2.30 -9.86
N CYS A 402 -1.22 -2.38 -10.94
CA CYS A 402 -0.88 -1.85 -12.29
C CYS A 402 -2.12 -1.76 -13.20
N VAL A 403 -2.17 -0.71 -14.04
CA VAL A 403 -3.17 -0.54 -15.11
C VAL A 403 -2.35 -0.07 -16.32
N VAL A 404 -2.33 -0.82 -17.41
CA VAL A 404 -1.51 -0.49 -18.62
C VAL A 404 -2.47 -0.28 -19.79
N LYS A 405 -2.31 0.84 -20.50
CA LYS A 405 -2.97 1.07 -21.80
C LYS A 405 -1.88 0.99 -22.86
N PRO A 406 -1.63 -0.23 -23.40
CA PRO A 406 -0.59 -0.43 -24.40
C PRO A 406 -1.02 0.15 -25.75
N LEU A 407 -0.09 0.13 -26.72
CA LEU A 407 -0.21 0.84 -28.03
C LEU A 407 -1.29 0.17 -28.89
N ASP A 408 -1.62 -1.09 -28.56
CA ASP A 408 -2.62 -1.98 -29.22
C ASP A 408 -2.75 -3.24 -28.34
N ASP A 409 -3.61 -4.18 -28.76
CA ASP A 409 -4.05 -5.33 -27.93
C ASP A 409 -3.16 -6.56 -28.17
N ARG A 410 -2.06 -6.43 -28.92
CA ARG A 410 -1.03 -7.51 -29.05
C ARG A 410 -0.48 -7.83 -27.65
N PHE A 411 -0.38 -6.78 -26.81
CA PHE A 411 -0.04 -6.82 -25.36
C PHE A 411 -0.76 -7.97 -24.65
N ALA A 412 -2.06 -8.17 -24.91
CA ALA A 412 -2.92 -9.14 -24.19
C ALA A 412 -2.30 -10.54 -24.21
N SER A 413 -1.78 -10.93 -25.39
CA SER A 413 -1.07 -12.20 -25.66
C SER A 413 0.42 -11.93 -25.89
N ALA A 414 1.04 -11.22 -24.94
CA ALA A 414 2.51 -11.02 -24.84
C ALA A 414 2.96 -11.57 -23.48
N LEU A 415 2.87 -12.90 -23.31
CA LEU A 415 2.94 -13.55 -21.97
C LEU A 415 4.23 -14.32 -21.67
N THR A 416 5.20 -14.32 -22.59
CA THR A 416 6.43 -15.16 -22.51
C THR A 416 7.38 -14.57 -21.46
N ALA A 417 7.73 -13.28 -21.61
CA ALA A 417 8.63 -12.53 -20.70
C ALA A 417 8.02 -12.45 -19.30
N LEU A 418 6.74 -12.05 -19.20
CA LEU A 418 6.00 -11.86 -17.92
C LEU A 418 6.00 -13.17 -17.11
N ASN A 419 5.65 -14.29 -17.76
CA ASN A 419 5.59 -15.64 -17.13
C ASN A 419 7.00 -16.08 -16.75
N ASP A 420 8.01 -15.73 -17.55
CA ASP A 420 9.42 -16.13 -17.29
C ASP A 420 10.03 -15.31 -16.14
N MET A 421 9.75 -14.00 -16.08
CA MET A 421 10.16 -13.10 -14.96
C MET A 421 9.57 -13.62 -13.66
N GLY A 422 8.60 -14.53 -13.73
CA GLY A 422 7.94 -15.13 -12.55
C GLY A 422 6.67 -14.38 -12.17
N LYS A 423 6.35 -13.30 -12.88
CA LYS A 423 5.20 -12.41 -12.59
C LYS A 423 3.94 -13.04 -13.20
N VAL A 424 3.60 -14.22 -12.67
CA VAL A 424 2.46 -15.07 -13.11
C VAL A 424 1.16 -14.38 -12.71
N ARG A 425 0.27 -14.17 -13.67
CA ARG A 425 -1.06 -13.52 -13.46
C ARG A 425 -1.95 -14.43 -12.60
N LYS A 426 -2.82 -13.80 -11.79
CA LYS A 426 -3.72 -14.43 -10.79
C LYS A 426 -5.04 -14.84 -11.45
N ASP A 427 -5.47 -16.10 -11.24
CA ASP A 427 -6.79 -16.65 -11.63
C ASP A 427 -7.07 -16.33 -13.11
N ILE A 428 -6.19 -16.84 -13.98
CA ILE A 428 -6.37 -16.98 -15.45
C ILE A 428 -5.35 -18.04 -15.89
N GLN A 429 -5.67 -18.85 -16.90
CA GLN A 429 -4.68 -19.84 -17.41
C GLN A 429 -3.40 -19.12 -17.79
N GLN A 430 -2.24 -19.75 -17.59
CA GLN A 430 -0.94 -19.07 -17.80
C GLN A 430 -0.78 -18.56 -19.24
N TRP A 431 -1.30 -19.29 -20.22
CA TRP A 431 -1.07 -18.89 -21.63
C TRP A 431 -2.37 -18.38 -22.25
N GLU A 432 -3.40 -18.21 -21.44
CA GLU A 432 -4.67 -17.63 -21.93
C GLU A 432 -4.51 -16.10 -21.94
N PRO A 433 -4.72 -15.43 -23.08
CA PRO A 433 -4.57 -13.98 -23.18
C PRO A 433 -5.35 -13.14 -22.17
N SER A 434 -4.90 -11.91 -21.95
CA SER A 434 -5.49 -10.98 -20.94
C SER A 434 -6.84 -10.47 -21.48
N ARG A 435 -7.88 -10.52 -20.64
CA ARG A 435 -9.20 -9.88 -20.87
C ARG A 435 -9.07 -8.38 -20.62
N GLY A 436 -9.15 -7.55 -21.67
CA GLY A 436 -9.01 -6.07 -21.60
C GLY A 436 -10.22 -5.39 -20.98
N TRP A 437 -10.14 -4.07 -20.77
CA TRP A 437 -11.28 -3.19 -20.38
C TRP A 437 -11.42 -2.09 -21.42
N ASN A 438 -12.64 -1.85 -21.90
CA ASN A 438 -12.90 -0.83 -22.97
C ASN A 438 -13.40 0.47 -22.33
N ASP A 439 -13.74 0.46 -21.03
CA ASP A 439 -14.25 1.64 -20.28
C ASP A 439 -13.43 1.87 -19.00
N TRP A 440 -12.79 3.04 -18.86
CA TRP A 440 -11.92 3.41 -17.70
C TRP A 440 -12.68 3.47 -16.37
N THR A 441 -14.00 3.57 -16.40
CA THR A 441 -14.86 3.64 -15.19
C THR A 441 -15.20 2.25 -14.63
N GLN A 442 -14.66 1.17 -15.21
CA GLN A 442 -14.82 -0.23 -14.70
C GLN A 442 -13.45 -0.84 -14.39
N VAL A 443 -12.34 -0.19 -14.79
CA VAL A 443 -10.95 -0.65 -14.54
C VAL A 443 -10.68 -0.63 -13.04
N PRO A 444 -10.25 -1.75 -12.42
CA PRO A 444 -9.89 -1.77 -11.00
C PRO A 444 -8.48 -1.23 -10.77
N PHE A 445 -8.28 -0.47 -9.68
CA PHE A 445 -6.98 0.14 -9.29
C PHE A 445 -7.00 0.56 -7.81
N CYS A 446 -6.04 0.01 -7.04
CA CYS A 446 -5.88 0.27 -5.58
C CYS A 446 -7.17 -0.04 -4.83
N SER A 447 -7.89 -1.10 -5.22
CA SER A 447 -9.11 -1.59 -4.53
C SER A 447 -10.33 -0.72 -4.90
N HIS A 448 -10.19 0.22 -5.84
CA HIS A 448 -11.27 1.17 -6.17
C HIS A 448 -11.72 1.02 -7.62
N HIS A 449 -12.84 1.66 -7.98
CA HIS A 449 -13.18 2.06 -9.37
C HIS A 449 -13.62 3.52 -9.30
N PHE A 450 -13.70 4.16 -10.45
CA PHE A 450 -13.82 5.63 -10.54
C PHE A 450 -15.05 5.95 -11.41
N HIS A 451 -16.02 6.70 -10.87
CA HIS A 451 -17.21 7.18 -11.64
C HIS A 451 -16.93 8.61 -12.10
N GLU A 452 -17.20 8.92 -13.36
CA GLU A 452 -17.36 10.33 -13.81
C GLU A 452 -18.72 10.79 -13.28
N LEU A 453 -18.79 12.04 -12.82
CA LEU A 453 -19.96 12.60 -12.10
C LEU A 453 -20.00 14.12 -12.34
N ILE A 454 -21.11 14.61 -12.89
CA ILE A 454 -21.26 16.04 -13.28
C ILE A 454 -22.02 16.79 -12.18
N MET A 455 -21.40 17.85 -11.66
CA MET A 455 -21.96 18.80 -10.67
C MET A 455 -23.05 19.61 -11.36
N LYS A 456 -23.96 20.19 -10.57
N LYS A 456 -23.96 20.17 -10.53
CA LYS A 456 -25.14 20.94 -11.09
CA LYS A 456 -25.12 21.00 -10.93
C LYS A 456 -24.68 22.25 -11.77
C LYS A 456 -24.65 22.19 -11.79
N ASP A 457 -23.44 22.69 -11.53
CA ASP A 457 -22.84 23.84 -12.27
C ASP A 457 -21.96 23.40 -13.46
N GLY A 458 -21.96 22.11 -13.82
CA GLY A 458 -21.37 21.58 -15.08
C GLY A 458 -19.98 20.99 -14.91
N ARG A 459 -19.31 21.31 -13.80
CA ARG A 459 -17.91 20.88 -13.55
C ARG A 459 -17.90 19.37 -13.30
N VAL A 460 -16.77 18.72 -13.55
CA VAL A 460 -16.68 17.23 -13.61
C VAL A 460 -15.84 16.72 -12.45
N LEU A 461 -16.48 16.01 -11.51
CA LEU A 461 -15.79 15.24 -10.46
C LEU A 461 -15.53 13.85 -11.00
N VAL A 462 -14.33 13.32 -10.79
CA VAL A 462 -14.05 11.87 -10.94
C VAL A 462 -13.83 11.31 -9.54
N VAL A 463 -14.84 10.61 -9.02
CA VAL A 463 -14.84 10.18 -7.58
C VAL A 463 -14.41 8.74 -7.50
N PRO A 464 -13.68 8.33 -6.44
CA PRO A 464 -13.37 6.92 -6.21
C PRO A 464 -14.58 6.26 -5.56
N CYS A 465 -14.61 4.93 -5.56
CA CYS A 465 -15.78 4.12 -5.16
C CYS A 465 -15.34 2.67 -4.96
N ARG A 466 -15.99 1.96 -4.05
CA ARG A 466 -15.93 0.48 -3.99
C ARG A 466 -17.17 -0.03 -3.28
N ASN A 467 -17.32 -1.35 -3.27
CA ASN A 467 -18.52 -2.00 -2.72
C ASN A 467 -18.70 -1.44 -1.31
N GLN A 468 -19.83 -0.78 -1.07
CA GLN A 468 -20.15 -0.08 0.20
C GLN A 468 -20.20 -1.11 1.33
N ASP A 469 -20.42 -2.40 1.07
CA ASP A 469 -20.34 -3.40 2.17
C ASP A 469 -18.89 -3.47 2.64
N GLU A 470 -17.93 -3.23 1.74
CA GLU A 470 -16.49 -3.24 2.07
C GLU A 470 -16.16 -2.02 2.94
N LEU A 471 -16.58 -0.81 2.55
CA LEU A 471 -16.31 0.44 3.30
C LEU A 471 -16.91 0.39 4.72
N ILE A 472 -18.18 0.04 4.86
CA ILE A 472 -18.85 -0.03 6.19
C ILE A 472 -18.19 -1.13 7.04
N GLY A 473 -17.76 -2.24 6.46
CA GLY A 473 -17.17 -3.37 7.21
C GLY A 473 -15.80 -3.02 7.79
N ARG A 474 -15.04 -2.18 7.09
CA ARG A 474 -13.67 -1.74 7.49
C ARG A 474 -13.77 -0.72 8.63
N ALA A 475 -14.71 0.22 8.52
CA ALA A 475 -14.97 1.25 9.56
C ALA A 475 -15.40 0.63 10.90
N ARG A 476 -16.05 -0.53 10.86
CA ARG A 476 -16.62 -1.21 12.06
C ARG A 476 -15.53 -2.02 12.78
N ILE A 477 -14.30 -2.04 12.24
CA ILE A 477 -13.13 -2.77 12.81
C ILE A 477 -12.18 -1.77 13.47
N SER A 478 -11.62 -2.14 14.63
N SER A 478 -11.63 -2.12 14.64
CA SER A 478 -10.63 -1.37 15.42
CA SER A 478 -10.62 -1.34 15.41
C SER A 478 -9.43 -2.25 15.75
C SER A 478 -9.43 -2.24 15.75
N GLN A 479 -8.29 -2.04 15.08
CA GLN A 479 -7.05 -2.84 15.26
C GLN A 479 -6.38 -2.45 16.58
N GLY A 480 -6.30 -3.42 17.51
CA GLY A 480 -5.63 -3.30 18.82
C GLY A 480 -6.58 -3.47 19.99
N ALA A 481 -6.04 -3.66 21.19
CA ALA A 481 -6.79 -3.81 22.45
C ALA A 481 -6.40 -2.64 23.38
N GLY A 482 -7.21 -2.41 24.41
CA GLY A 482 -7.00 -1.36 25.43
C GLY A 482 -7.34 0.03 24.90
N TRP A 483 -8.44 0.15 24.17
CA TRP A 483 -8.96 1.43 23.59
C TRP A 483 -10.07 1.98 24.49
N SER A 484 -10.03 3.29 24.78
CA SER A 484 -11.08 4.02 25.54
C SER A 484 -12.24 4.34 24.59
N LEU A 485 -13.43 4.62 25.16
CA LEU A 485 -14.63 5.07 24.41
C LEU A 485 -14.28 6.34 23.62
N ARG A 486 -13.39 7.17 24.17
CA ARG A 486 -12.97 8.42 23.46
C ARG A 486 -12.12 8.04 22.24
N GLU A 487 -11.16 7.14 22.41
CA GLU A 487 -10.25 6.76 21.31
C GLU A 487 -11.05 6.11 20.17
N THR A 488 -11.89 5.13 20.51
CA THR A 488 -12.72 4.43 19.49
C THR A 488 -13.54 5.48 18.74
N ALA A 489 -14.09 6.45 19.48
CA ALA A 489 -14.94 7.50 18.89
C ALA A 489 -14.15 8.37 17.92
N CYS A 490 -12.88 8.65 18.23
CA CYS A 490 -12.04 9.51 17.36
C CYS A 490 -11.71 8.77 16.06
N LEU A 491 -11.49 7.46 16.14
CA LEU A 491 -11.23 6.65 14.92
C LEU A 491 -12.46 6.69 14.03
N GLY A 492 -13.65 6.59 14.64
CA GLY A 492 -14.91 6.66 13.88
C GLY A 492 -15.05 7.97 13.14
N LYS A 493 -14.69 9.08 13.78
CA LYS A 493 -14.75 10.41 13.13
C LYS A 493 -13.78 10.44 11.94
N SER A 494 -12.69 9.68 12.04
CA SER A 494 -11.69 9.63 10.95
C SER A 494 -12.31 8.99 9.72
N TYR A 495 -13.04 7.90 9.90
CA TYR A 495 -13.68 7.19 8.76
C TYR A 495 -14.80 8.04 8.19
N ALA A 496 -15.58 8.67 9.06
CA ALA A 496 -16.72 9.50 8.63
C ALA A 496 -16.24 10.72 7.85
N GLN A 497 -15.05 11.21 8.16
CA GLN A 497 -14.51 12.41 7.48
C GLN A 497 -13.91 11.96 6.15
N MET A 498 -13.39 10.74 6.09
CA MET A 498 -12.92 10.19 4.79
C MET A 498 -14.13 9.95 3.89
N TRP A 499 -15.19 9.39 4.46
CA TRP A 499 -16.42 9.12 3.68
C TRP A 499 -17.01 10.43 3.14
N SER A 500 -17.04 11.47 3.97
N SER A 500 -17.04 11.47 3.97
CA SER A 500 -17.63 12.77 3.55
CA SER A 500 -17.64 12.76 3.54
C SER A 500 -16.77 13.43 2.48
C SER A 500 -16.77 13.43 2.48
N LEU A 501 -15.48 13.05 2.42
CA LEU A 501 -14.55 13.69 1.45
C LEU A 501 -14.36 12.84 0.19
N MET A 502 -14.31 11.53 0.31
CA MET A 502 -14.00 10.67 -0.85
C MET A 502 -15.25 9.93 -1.35
N TYR A 503 -16.11 9.48 -0.42
CA TYR A 503 -17.32 8.69 -0.77
C TYR A 503 -18.57 9.48 -0.42
N PHE A 504 -18.61 10.77 -0.76
CA PHE A 504 -19.73 11.68 -0.43
C PHE A 504 -20.92 11.38 -1.33
N HIS A 505 -20.62 10.81 -2.50
CA HIS A 505 -21.55 10.60 -3.64
C HIS A 505 -22.42 9.37 -3.34
N ARG A 506 -22.01 8.56 -2.38
CA ARG A 506 -22.81 7.40 -1.91
C ARG A 506 -23.76 7.95 -0.83
N ARG A 507 -25.06 7.73 -1.00
CA ARG A 507 -26.12 8.22 -0.11
C ARG A 507 -25.87 7.72 1.31
N ASP A 508 -25.62 6.43 1.52
CA ASP A 508 -25.67 5.86 2.90
C ASP A 508 -24.47 6.34 3.73
N LEU A 509 -23.39 6.74 3.04
CA LEU A 509 -22.10 7.14 3.67
C LEU A 509 -22.19 8.62 4.05
N ARG A 510 -22.69 9.48 3.15
CA ARG A 510 -22.95 10.89 3.46
C ARG A 510 -23.82 10.97 4.73
N LEU A 511 -24.87 10.15 4.82
CA LEU A 511 -25.83 10.15 5.94
C LEU A 511 -25.15 9.62 7.21
N ALA A 512 -24.48 8.46 7.13
CA ALA A 512 -23.84 7.80 8.30
C ALA A 512 -22.65 8.66 8.81
N ALA A 513 -22.08 9.49 7.92
CA ALA A 513 -20.94 10.38 8.22
C ALA A 513 -21.45 11.52 9.08
N ASN A 514 -22.50 12.20 8.61
CA ASN A 514 -23.20 13.25 9.38
C ASN A 514 -23.60 12.66 10.73
N ALA A 515 -24.14 11.44 10.78
CA ALA A 515 -24.58 10.83 12.06
C ALA A 515 -23.39 10.65 13.01
N ILE A 516 -22.26 10.16 12.52
CA ILE A 516 -21.10 9.80 13.38
C ILE A 516 -20.52 11.11 13.91
N CYS A 517 -20.25 12.07 13.03
CA CYS A 517 -19.75 13.43 13.38
C CYS A 517 -20.69 14.14 14.36
N SER A 518 -22.00 13.90 14.26
CA SER A 518 -23.00 14.46 15.19
C SER A 518 -22.94 13.75 16.55
N ALA A 519 -22.53 12.48 16.60
CA ALA A 519 -22.57 11.63 17.82
C ALA A 519 -21.22 11.72 18.57
N VAL A 520 -20.27 12.45 17.99
CA VAL A 520 -18.92 12.63 18.56
C VAL A 520 -18.73 14.12 18.85
N PRO A 521 -18.17 14.49 20.03
CA PRO A 521 -17.99 15.90 20.37
C PRO A 521 -17.20 16.59 19.25
N SER A 522 -17.67 17.77 18.83
N SER A 522 -17.67 17.77 18.85
CA SER A 522 -17.23 18.49 17.59
CA SER A 522 -17.26 18.53 17.64
C SER A 522 -15.72 18.72 17.58
C SER A 522 -15.73 18.73 17.58
N HIS A 523 -15.09 18.87 18.74
CA HIS A 523 -13.66 19.24 18.89
C HIS A 523 -12.78 17.97 18.91
N TRP A 524 -13.24 16.90 19.57
CA TRP A 524 -12.50 15.60 19.69
C TRP A 524 -11.85 15.27 18.33
N VAL A 525 -10.53 15.09 18.32
CA VAL A 525 -9.69 15.04 17.08
C VAL A 525 -9.70 13.62 16.53
N PRO A 526 -9.78 13.42 15.19
CA PRO A 526 -9.61 12.10 14.59
C PRO A 526 -8.25 11.46 14.90
N THR A 527 -8.25 10.15 15.19
CA THR A 527 -7.03 9.33 15.47
C THR A 527 -6.97 8.17 14.46
N SER A 528 -5.74 7.75 14.12
CA SER A 528 -5.43 6.60 13.22
C SER A 528 -4.87 5.44 14.05
N ARG A 529 -5.21 4.20 13.68
CA ARG A 529 -4.71 2.96 14.34
C ARG A 529 -3.20 2.83 14.11
N THR A 530 -2.76 2.92 12.85
CA THR A 530 -1.34 2.73 12.41
C THR A 530 -1.10 3.48 11.07
N THR A 531 -1.15 4.82 11.11
CA THR A 531 -0.86 5.74 9.97
C THR A 531 -1.44 5.15 8.67
N ALA A 536 -1.64 7.47 1.30
CA ALA A 536 -0.96 8.49 0.45
C ALA A 536 -1.17 9.89 1.06
N THR A 537 -2.36 10.46 0.88
CA THR A 537 -2.74 11.81 1.38
C THR A 537 -4.05 11.71 2.17
N HIS A 538 -3.97 11.96 3.49
N HIS A 538 -3.98 11.99 3.48
CA HIS A 538 -5.08 11.84 4.47
CA HIS A 538 -5.08 11.84 4.47
C HIS A 538 -5.49 13.24 4.98
C HIS A 538 -5.48 13.24 4.97
N GLU A 539 -6.27 13.97 4.18
CA GLU A 539 -6.72 15.35 4.50
C GLU A 539 -7.95 15.32 5.41
N TRP A 540 -8.58 14.16 5.55
CA TRP A 540 -9.72 13.94 6.49
C TRP A 540 -9.23 13.88 7.95
N MET A 541 -7.90 13.92 8.18
CA MET A 541 -7.28 13.95 9.53
C MET A 541 -7.02 15.41 9.93
N THR A 542 -8.01 16.01 10.59
CA THR A 542 -8.18 17.47 10.84
C THR A 542 -9.49 17.71 11.60
N THR A 543 -9.64 18.85 12.27
CA THR A 543 -10.87 19.27 12.97
C THR A 543 -11.54 20.42 12.23
N GLU A 544 -10.99 20.86 11.10
CA GLU A 544 -11.55 21.94 10.24
C GLU A 544 -12.93 21.51 9.68
N ASP A 545 -13.75 22.50 9.28
CA ASP A 545 -15.11 22.30 8.72
C ASP A 545 -15.00 21.53 7.40
N MET A 546 -15.64 20.36 7.32
CA MET A 546 -15.39 19.38 6.23
C MET A 546 -15.78 19.98 4.89
N LEU A 547 -16.78 20.87 4.85
CA LEU A 547 -17.15 21.51 3.56
C LEU A 547 -15.99 22.40 3.09
N THR A 548 -15.15 22.85 4.02
CA THR A 548 -14.01 23.73 3.68
C THR A 548 -12.86 22.89 3.14
N VAL A 549 -12.60 21.73 3.76
CA VAL A 549 -11.65 20.69 3.26
C VAL A 549 -12.05 20.29 1.82
N TRP A 550 -13.31 19.90 1.61
CA TRP A 550 -13.89 19.48 0.30
C TRP A 550 -13.52 20.51 -0.77
N ASN A 551 -13.77 21.79 -0.50
CA ASN A 551 -13.55 22.87 -1.48
C ASN A 551 -12.06 22.94 -1.83
N ARG A 552 -11.18 22.71 -0.84
CA ARG A 552 -9.71 22.81 -1.05
C ARG A 552 -9.26 21.68 -1.98
N VAL A 553 -9.58 20.45 -1.54
CA VAL A 553 -9.28 19.13 -2.18
C VAL A 553 -9.83 19.07 -3.61
N TRP A 554 -11.13 19.30 -3.80
CA TRP A 554 -11.86 18.99 -5.07
C TRP A 554 -11.91 20.21 -5.99
N ILE A 555 -11.80 21.43 -5.46
CA ILE A 555 -11.96 22.67 -6.29
C ILE A 555 -10.64 23.44 -6.34
N GLN A 556 -10.09 23.74 -5.17
CA GLN A 556 -8.98 24.72 -5.06
C GLN A 556 -7.70 24.07 -5.59
N GLU A 557 -7.34 22.90 -5.08
CA GLU A 557 -6.02 22.23 -5.32
C GLU A 557 -6.04 21.36 -6.59
N ASN A 558 -7.21 20.83 -6.96
CA ASN A 558 -7.46 19.92 -8.11
C ASN A 558 -7.08 20.61 -9.42
N PRO A 559 -6.03 20.13 -10.13
CA PRO A 559 -5.57 20.78 -11.37
C PRO A 559 -6.39 20.45 -12.63
N TRP A 560 -7.41 19.59 -12.49
CA TRP A 560 -8.35 19.21 -13.58
C TRP A 560 -9.59 20.13 -13.59
N MET A 561 -9.74 20.95 -12.55
CA MET A 561 -10.84 21.96 -12.41
C MET A 561 -10.29 23.33 -12.83
N GLU A 562 -10.80 23.91 -13.93
CA GLU A 562 -10.32 25.21 -14.48
C GLU A 562 -11.11 26.37 -13.86
N ASP A 563 -12.38 26.16 -13.50
CA ASP A 563 -13.20 27.12 -12.71
C ASP A 563 -13.07 26.76 -11.24
N LYS A 564 -12.67 27.73 -10.41
CA LYS A 564 -12.28 27.54 -8.99
C LYS A 564 -13.34 28.15 -8.06
N THR A 565 -14.57 28.32 -8.57
CA THR A 565 -15.74 28.82 -7.81
C THR A 565 -16.04 27.89 -6.64
N PRO A 566 -15.97 28.35 -5.37
CA PRO A 566 -16.23 27.44 -4.25
C PRO A 566 -17.68 26.93 -4.27
N VAL A 567 -17.88 25.78 -3.65
CA VAL A 567 -19.22 25.20 -3.37
C VAL A 567 -19.65 25.73 -2.00
N GLU A 568 -20.89 26.22 -1.87
CA GLU A 568 -21.36 27.01 -0.70
C GLU A 568 -22.05 26.11 0.34
N SER A 569 -22.68 25.00 -0.09
CA SER A 569 -23.36 24.01 0.78
C SER A 569 -23.28 22.61 0.18
N TRP A 570 -23.60 21.59 1.00
CA TRP A 570 -23.46 20.14 0.67
C TRP A 570 -24.47 19.71 -0.40
N GLU A 571 -25.57 20.43 -0.56
CA GLU A 571 -26.63 20.11 -1.56
C GLU A 571 -26.11 20.34 -2.98
N GLU A 572 -25.16 21.27 -3.15
CA GLU A 572 -24.53 21.61 -4.46
C GLU A 572 -23.57 20.49 -4.88
N ILE A 573 -23.21 19.61 -3.93
CA ILE A 573 -22.33 18.43 -4.16
C ILE A 573 -23.18 17.21 -4.48
N PRO A 574 -23.01 16.62 -5.70
CA PRO A 574 -23.85 15.52 -6.17
C PRO A 574 -23.63 14.09 -5.70
N TYR A 575 -24.65 13.24 -5.88
CA TYR A 575 -24.53 11.80 -5.54
C TYR A 575 -24.52 11.02 -6.84
N LEU A 576 -24.18 9.73 -6.78
CA LEU A 576 -24.27 8.89 -8.01
C LEU A 576 -25.76 8.62 -8.27
N GLY A 577 -26.11 8.13 -9.46
CA GLY A 577 -27.51 7.75 -9.71
C GLY A 577 -27.96 6.71 -8.70
N LYS A 578 -29.27 6.61 -8.46
CA LYS A 578 -29.77 5.67 -7.42
C LYS A 578 -29.44 4.22 -7.80
N ARG A 579 -29.51 3.90 -9.10
CA ARG A 579 -29.14 2.53 -9.56
C ARG A 579 -27.63 2.36 -9.39
N GLU A 580 -26.83 3.32 -9.85
CA GLU A 580 -25.37 3.28 -9.59
C GLU A 580 -25.13 3.05 -8.10
N ASP A 581 -25.84 3.78 -7.23
CA ASP A 581 -25.64 3.66 -5.76
C ASP A 581 -26.08 2.27 -5.29
N GLN A 582 -27.13 1.70 -5.90
CA GLN A 582 -27.57 0.33 -5.54
C GLN A 582 -26.56 -0.69 -6.10
N TRP A 583 -26.10 -0.48 -7.34
CA TRP A 583 -25.11 -1.39 -7.96
C TRP A 583 -23.84 -1.50 -7.11
N CYS A 584 -23.41 -0.40 -6.47
CA CYS A 584 -22.18 -0.37 -5.63
C CYS A 584 -22.56 -0.61 -4.17
N GLY A 585 -23.78 -1.09 -3.90
CA GLY A 585 -24.12 -1.79 -2.64
C GLY A 585 -25.00 -1.02 -1.67
N SER A 586 -25.56 0.11 -2.11
CA SER A 586 -26.43 0.95 -1.23
C SER A 586 -27.64 0.15 -0.73
N LEU A 587 -28.21 0.57 0.40
CA LEU A 587 -29.44 -0.10 0.93
C LEU A 587 -30.65 0.80 0.66
N ILE A 588 -30.46 1.88 -0.10
CA ILE A 588 -31.61 2.77 -0.46
C ILE A 588 -32.69 1.89 -1.10
N GLY A 589 -33.93 2.02 -0.65
CA GLY A 589 -35.02 1.18 -1.17
C GLY A 589 -35.40 0.08 -0.19
N LEU A 590 -34.59 -0.10 0.85
CA LEU A 590 -34.93 -1.12 1.89
C LEU A 590 -35.70 -0.43 3.03
N THR A 591 -36.57 -1.19 3.71
CA THR A 591 -37.37 -0.64 4.83
C THR A 591 -36.43 -0.28 6.00
N SER A 592 -35.43 -1.11 6.27
CA SER A 592 -34.45 -0.94 7.37
C SER A 592 -33.73 0.41 7.24
N ARG A 593 -33.30 0.76 6.02
CA ARG A 593 -32.52 2.01 5.74
C ARG A 593 -33.45 3.23 5.82
N ALA A 594 -34.71 3.09 5.40
CA ALA A 594 -35.76 4.13 5.47
C ALA A 594 -36.10 4.40 6.94
N THR A 595 -36.19 3.35 7.76
CA THR A 595 -36.40 3.43 9.24
C THR A 595 -35.16 4.07 9.88
N TRP A 596 -33.97 3.54 9.57
CA TRP A 596 -32.67 4.06 10.06
C TRP A 596 -32.54 5.57 9.83
N ALA A 597 -32.73 6.00 8.58
CA ALA A 597 -32.62 7.42 8.14
C ALA A 597 -33.68 8.28 8.84
N LYS A 598 -34.92 7.78 8.92
CA LYS A 598 -36.04 8.49 9.59
C LYS A 598 -35.71 8.69 11.07
N ASN A 599 -35.29 7.64 11.77
CA ASN A 599 -35.05 7.66 13.24
C ASN A 599 -33.56 7.88 13.57
N ILE A 600 -32.81 8.61 12.75
CA ILE A 600 -31.31 8.71 12.86
C ILE A 600 -30.90 9.44 14.15
N GLN A 601 -31.63 10.50 14.51
N GLN A 601 -31.63 10.50 14.52
CA GLN A 601 -31.26 11.30 15.72
CA GLN A 601 -31.25 11.30 15.72
C GLN A 601 -31.23 10.40 16.96
C GLN A 601 -31.24 10.41 16.96
N THR A 602 -32.22 9.51 17.09
CA THR A 602 -32.30 8.62 18.27
C THR A 602 -31.02 7.79 18.44
N ALA A 603 -30.41 7.38 17.33
CA ALA A 603 -29.14 6.62 17.41
C ALA A 603 -28.01 7.57 17.84
N ILE A 604 -27.97 8.75 17.25
CA ILE A 604 -26.94 9.76 17.63
C ILE A 604 -27.07 9.99 19.12
N ASN A 605 -28.31 10.11 19.61
CA ASN A 605 -28.55 10.43 21.04
C ASN A 605 -28.19 9.24 21.93
N GLN A 606 -28.33 8.01 21.41
CA GLN A 606 -27.93 6.83 22.21
C GLN A 606 -26.42 6.86 22.42
N VAL A 607 -25.67 7.25 21.40
CA VAL A 607 -24.18 7.30 21.49
C VAL A 607 -23.82 8.50 22.38
N ARG A 608 -24.46 9.64 22.14
CA ARG A 608 -24.21 10.85 22.98
C ARG A 608 -24.37 10.50 24.47
N SER A 609 -25.37 9.68 24.80
CA SER A 609 -25.70 9.26 26.19
C SER A 609 -24.63 8.32 26.75
N LEU A 610 -24.04 7.46 25.89
CA LEU A 610 -23.00 6.48 26.27
C LEU A 610 -21.67 7.19 26.55
N ILE A 611 -21.33 8.19 25.74
CA ILE A 611 -20.08 9.00 25.89
C ILE A 611 -20.22 9.87 27.14
N GLY A 612 -21.22 10.74 27.15
CA GLY A 612 -21.55 11.66 28.27
C GLY A 612 -21.91 13.05 27.78
N ASN A 613 -22.22 13.97 28.70
CA ASN A 613 -22.54 15.40 28.40
C ASN A 613 -21.26 16.10 27.95
N GLU A 614 -21.17 16.43 26.65
CA GLU A 614 -20.03 17.11 26.00
C GLU A 614 -20.58 18.17 25.04
N GLU A 615 -19.70 18.84 24.28
CA GLU A 615 -20.07 19.85 23.24
C GLU A 615 -20.30 19.12 21.91
N TYR A 616 -21.57 18.84 21.57
CA TYR A 616 -22.00 18.11 20.35
C TYR A 616 -22.61 19.09 19.34
N THR A 617 -22.36 18.85 18.05
CA THR A 617 -22.94 19.58 16.89
C THR A 617 -23.90 18.65 16.15
N ASP A 618 -25.00 19.21 15.60
CA ASP A 618 -26.00 18.50 14.78
C ASP A 618 -25.72 18.79 13.30
N TYR A 619 -25.18 17.81 12.57
CA TYR A 619 -24.73 17.93 11.15
C TYR A 619 -25.81 17.44 10.18
N MET A 620 -26.87 16.80 10.70
CA MET A 620 -27.97 16.22 9.86
C MET A 620 -28.67 17.29 9.01
N PRO A 621 -28.95 18.51 9.52
CA PRO A 621 -29.50 19.59 8.69
C PRO A 621 -28.69 20.03 7.45
N SER A 622 -27.51 19.44 7.20
CA SER A 622 -26.71 19.62 5.95
C SER A 622 -27.36 18.92 4.75
N MET A 623 -28.18 17.89 5.00
CA MET A 623 -28.93 17.13 3.97
C MET A 623 -30.33 17.73 3.81
N LYS A 624 -30.89 17.72 2.59
CA LYS A 624 -32.17 18.38 2.23
C LYS A 624 -33.32 17.81 3.08
N ARG A 625 -33.43 16.48 3.14
CA ARG A 625 -34.55 15.75 3.82
C ARG A 625 -34.77 16.28 5.23
N PHE A 626 -33.69 16.49 6.00
CA PHE A 626 -33.71 16.97 7.41
C PHE A 626 -33.86 18.49 7.42
N ARG A 627 -33.32 19.18 6.40
CA ARG A 627 -33.35 20.66 6.25
C ARG A 627 -34.79 21.12 6.03
#